data_7P11
#
_entry.id   7P11
#
_cell.length_a   54.620
_cell.length_b   61.394
_cell.length_c   85.242
_cell.angle_alpha   90.00
_cell.angle_beta   90.00
_cell.angle_gamma   90.00
#
_symmetry.space_group_name_H-M   'P 21 21 21'
#
loop_
_entity.id
_entity.type
_entity.pdbx_description
1 polymer 'Isoform 2 of Galectin-8'
2 polymer Galectin-8
3 non-polymer '2-[[(2~{R},3~{R},4~{R})-2-(hydroxymethyl)-3-oxidanyl-3,4-dihydro-2~{H}-pyran-4-yl]oxymethyl]quinoline-7-carboxylic acid'
4 non-polymer 'CHLORIDE ION'
5 water water
#
loop_
_entity_poly.entity_id
_entity_poly.type
_entity_poly.pdbx_seq_one_letter_code
_entity_poly.pdbx_strand_id
1 'polypeptide(L)'
;NLQNIIYNPVIPFVGTIPDQLDPGTLIVIRGHVPSDADRFQVDLQNGSSMKPRADVAFHFNPRFKRAGCIVCNTLINEKW
GREEITYDTPFKREKSFEIVIMVLKDKFQVAVNGKHTLLYGHRIGPEKIDTLGIYGKVNIHSIGFSFSSD
;
A
2 'polypeptide(L)'
;NNLQNIIYNPVIPFVGTIPDQLDPGTLIVIRGHVPSDADRFQVDLQNGSSMKPRADVAFHFNPRFKRAGCIVCNTLINEK
WGREEITYDTPFKREKSFEIVIMVLKDKFQVAVNGKHTLLYGHRIGPEKIDTLGIYGKVNIHSIGFSFSSD
;
B
#
# COMPACT_ATOMS: atom_id res chain seq x y z
N ASN A 1 -3.87 -11.39 9.13
CA ASN A 1 -4.38 -11.55 7.73
C ASN A 1 -3.30 -12.25 6.87
N LEU A 2 -2.23 -12.76 7.46
CA LEU A 2 -1.14 -13.39 6.66
C LEU A 2 -1.43 -14.87 6.53
N GLN A 3 -1.61 -15.38 5.30
CA GLN A 3 -1.84 -16.83 5.04
C GLN A 3 -0.68 -17.45 4.22
N ASN A 4 0.24 -18.14 4.91
CA ASN A 4 1.44 -18.78 4.32
C ASN A 4 0.94 -19.85 3.36
N ILE A 5 1.48 -19.92 2.15
CA ILE A 5 1.31 -21.09 1.25
C ILE A 5 2.49 -22.08 1.42
N ILE A 6 3.46 -21.84 2.33
CA ILE A 6 4.59 -22.79 2.48
C ILE A 6 5.59 -22.35 3.54
N TYR A 7 6.25 -23.31 4.17
CA TYR A 7 7.47 -23.15 5.03
C TYR A 7 8.60 -24.02 4.47
N ASN A 8 9.84 -23.54 4.56
CA ASN A 8 11.08 -24.30 4.27
C ASN A 8 10.94 -25.01 2.91
N PRO A 9 10.49 -24.31 1.85
CA PRO A 9 10.43 -24.94 0.53
C PRO A 9 11.85 -25.24 0.00
N VAL A 10 12.01 -26.42 -0.59
CA VAL A 10 13.23 -26.75 -1.38
C VAL A 10 13.34 -25.71 -2.50
N ILE A 11 14.56 -25.27 -2.77
CA ILE A 11 14.88 -24.23 -3.79
C ILE A 11 15.56 -24.93 -4.96
N PRO A 12 15.12 -24.75 -6.23
CA PRO A 12 14.07 -23.81 -6.58
C PRO A 12 12.66 -24.21 -6.10
N PHE A 13 11.87 -23.20 -5.72
CA PHE A 13 10.42 -23.35 -5.45
C PHE A 13 9.60 -22.71 -6.58
N VAL A 14 8.57 -23.37 -7.05
CA VAL A 14 7.55 -22.74 -7.96
C VAL A 14 6.18 -23.06 -7.38
N GLY A 15 5.36 -22.05 -7.03
CA GLY A 15 4.00 -22.32 -6.47
C GLY A 15 2.91 -21.46 -7.08
N THR A 16 1.70 -22.01 -7.22
CA THR A 16 0.52 -21.23 -7.64
C THR A 16 0.15 -20.22 -6.53
N ILE A 17 -0.12 -18.97 -6.92
CA ILE A 17 -0.66 -17.95 -5.99
C ILE A 17 -2.17 -18.16 -5.87
N PRO A 18 -2.66 -18.38 -4.63
CA PRO A 18 -4.04 -18.83 -4.42
C PRO A 18 -5.15 -17.81 -4.70
N ASP A 19 -4.83 -16.51 -4.80
CA ASP A 19 -5.83 -15.46 -5.14
C ASP A 19 -5.20 -14.40 -6.02
N GLN A 20 -6.00 -13.49 -6.57
CA GLN A 20 -5.54 -12.42 -7.47
C GLN A 20 -4.69 -11.41 -6.69
N LEU A 21 -3.63 -10.88 -7.32
CA LEU A 21 -2.73 -9.87 -6.71
C LEU A 21 -3.39 -8.50 -6.88
N ASP A 22 -4.44 -8.24 -6.11
CA ASP A 22 -5.23 -7.00 -6.21
C ASP A 22 -4.43 -5.88 -5.52
N PRO A 23 -4.67 -4.61 -5.89
CA PRO A 23 -4.06 -3.48 -5.17
C PRO A 23 -4.31 -3.65 -3.66
N GLY A 24 -3.24 -3.57 -2.87
CA GLY A 24 -3.29 -3.67 -1.39
C GLY A 24 -2.76 -5.02 -0.91
N THR A 25 -2.71 -6.01 -1.79
CA THR A 25 -2.12 -7.35 -1.51
C THR A 25 -0.64 -7.24 -1.06
N LEU A 26 -0.27 -7.94 0.04
CA LEU A 26 1.13 -8.12 0.48
C LEU A 26 1.62 -9.54 0.15
N ILE A 27 2.88 -9.64 -0.32
CA ILE A 27 3.66 -10.90 -0.40
C ILE A 27 4.80 -10.80 0.62
N VAL A 28 4.85 -11.70 1.59
CA VAL A 28 5.89 -11.67 2.68
C VAL A 28 6.77 -12.92 2.54
N ILE A 29 8.08 -12.70 2.38
CA ILE A 29 9.08 -13.79 2.23
C ILE A 29 10.14 -13.62 3.32
N ARG A 30 10.29 -14.63 4.16
CA ARG A 30 11.32 -14.67 5.24
C ARG A 30 12.39 -15.69 4.84
N GLY A 31 13.66 -15.36 5.03
CA GLY A 31 14.77 -16.21 4.57
C GLY A 31 16.14 -15.72 5.00
N HIS A 32 17.18 -16.36 4.47
CA HIS A 32 18.60 -16.16 4.85
C HIS A 32 19.46 -16.39 3.60
N VAL A 33 20.49 -15.57 3.40
CA VAL A 33 21.48 -15.66 2.27
C VAL A 33 22.63 -16.52 2.77
N PRO A 34 22.94 -17.65 2.10
CA PRO A 34 24.12 -18.44 2.43
C PRO A 34 25.43 -17.66 2.18
N SER A 35 26.53 -18.00 2.88
CA SER A 35 27.80 -17.24 2.83
C SER A 35 28.41 -17.26 1.42
N ASP A 36 28.13 -18.29 0.63
CA ASP A 36 28.76 -18.47 -0.69
C ASP A 36 27.87 -17.89 -1.80
N ALA A 37 26.77 -17.21 -1.49
CA ALA A 37 25.75 -16.78 -2.47
C ALA A 37 26.29 -15.72 -3.42
N ASP A 38 25.96 -15.81 -4.71
N ASP A 38 25.92 -15.85 -4.69
CA ASP A 38 26.29 -14.75 -5.71
CA ASP A 38 26.23 -14.92 -5.82
C ASP A 38 25.00 -13.97 -6.06
C ASP A 38 25.03 -14.01 -6.06
N ARG A 39 23.87 -14.65 -6.22
CA ARG A 39 22.56 -14.02 -6.51
C ARG A 39 21.43 -14.97 -6.11
N PHE A 40 20.22 -14.45 -6.04
CA PHE A 40 18.96 -15.22 -5.95
C PHE A 40 17.86 -14.37 -6.54
N GLN A 41 16.72 -14.96 -6.88
CA GLN A 41 15.63 -14.13 -7.46
C GLN A 41 14.28 -14.58 -6.89
N VAL A 42 13.37 -13.62 -6.80
CA VAL A 42 11.90 -13.83 -6.62
C VAL A 42 11.26 -13.36 -7.92
N ASP A 43 10.56 -14.25 -8.60
CA ASP A 43 9.87 -14.00 -9.90
C ASP A 43 8.35 -14.18 -9.72
N LEU A 44 7.62 -13.11 -9.97
CA LEU A 44 6.16 -13.15 -10.09
C LEU A 44 5.89 -13.40 -11.59
N GLN A 45 5.36 -14.58 -11.88
CA GLN A 45 5.27 -15.13 -13.26
C GLN A 45 3.81 -15.21 -13.69
N ASN A 46 3.58 -14.99 -14.97
CA ASN A 46 2.36 -15.41 -15.67
C ASN A 46 2.58 -16.85 -16.11
N GLY A 47 2.18 -17.82 -15.28
CA GLY A 47 2.32 -19.27 -15.54
C GLY A 47 3.63 -19.85 -15.03
N SER A 48 3.88 -21.16 -15.26
CA SER A 48 5.09 -21.89 -14.76
C SER A 48 5.82 -22.65 -15.86
N SER A 49 5.49 -22.41 -17.12
CA SER A 49 6.24 -22.97 -18.25
C SER A 49 7.75 -22.75 -18.05
N MET A 50 8.54 -23.79 -18.25
CA MET A 50 10.03 -23.73 -18.20
CA MET A 50 10.03 -23.74 -18.20
C MET A 50 10.57 -23.59 -19.63
N LYS A 51 9.82 -24.08 -20.61
CA LYS A 51 10.19 -24.07 -22.05
C LYS A 51 8.93 -23.95 -22.90
N PRO A 52 8.67 -22.81 -23.60
CA PRO A 52 9.47 -21.58 -23.45
C PRO A 52 9.28 -21.03 -22.04
N ARG A 53 10.10 -20.09 -21.60
CA ARG A 53 10.08 -19.64 -20.18
C ARG A 53 8.89 -18.69 -19.97
N ALA A 54 8.12 -18.92 -18.90
CA ALA A 54 6.95 -18.08 -18.50
C ALA A 54 7.36 -16.61 -18.43
N ASP A 55 6.50 -15.71 -18.89
CA ASP A 55 6.68 -14.25 -18.66
C ASP A 55 6.87 -14.00 -17.16
N VAL A 56 7.80 -13.11 -16.82
CA VAL A 56 8.05 -12.65 -15.43
C VAL A 56 7.64 -11.19 -15.40
N ALA A 57 6.52 -10.87 -14.73
CA ALA A 57 6.06 -9.48 -14.54
C ALA A 57 7.09 -8.76 -13.67
N PHE A 58 7.61 -9.45 -12.66
CA PHE A 58 8.48 -8.83 -11.64
C PHE A 58 9.59 -9.82 -11.25
N HIS A 59 10.81 -9.53 -11.73
CA HIS A 59 12.09 -10.17 -11.36
C HIS A 59 12.73 -9.28 -10.31
N PHE A 60 12.77 -9.75 -9.08
CA PHE A 60 13.51 -9.13 -7.96
C PHE A 60 14.78 -9.97 -7.67
N ASN A 61 15.95 -9.49 -8.08
CA ASN A 61 17.20 -10.26 -8.19
C ASN A 61 18.32 -9.59 -7.40
N PRO A 62 18.42 -9.81 -6.06
CA PRO A 62 19.60 -9.38 -5.30
C PRO A 62 20.87 -10.06 -5.84
N ARG A 63 21.93 -9.26 -6.03
CA ARG A 63 23.30 -9.67 -6.47
C ARG A 63 24.30 -9.24 -5.40
N PHE A 64 25.36 -10.01 -5.19
CA PHE A 64 26.23 -9.92 -3.98
C PHE A 64 27.69 -9.61 -4.29
N LYS A 65 28.13 -9.69 -5.56
CA LYS A 65 29.53 -9.34 -5.94
C LYS A 65 29.79 -7.86 -5.63
N ARG A 66 31.04 -7.53 -5.30
CA ARG A 66 31.45 -6.13 -5.02
C ARG A 66 30.54 -5.59 -3.92
N ALA A 67 30.09 -4.33 -4.01
CA ALA A 67 29.29 -3.70 -2.93
C ALA A 67 27.79 -4.04 -3.10
N GLY A 68 27.46 -5.04 -3.93
CA GLY A 68 26.09 -5.60 -4.02
C GLY A 68 25.13 -4.65 -4.68
N CYS A 69 24.00 -5.17 -5.15
CA CYS A 69 22.87 -4.39 -5.70
C CYS A 69 21.62 -5.27 -5.75
N ILE A 70 20.53 -4.72 -6.28
CA ILE A 70 19.30 -5.47 -6.68
C ILE A 70 18.96 -5.05 -8.12
N VAL A 71 18.83 -6.04 -9.00
CA VAL A 71 18.35 -5.83 -10.38
C VAL A 71 16.88 -6.22 -10.37
N CYS A 72 16.01 -5.35 -10.89
CA CYS A 72 14.59 -5.65 -11.18
C CYS A 72 14.35 -5.49 -12.66
N ASN A 73 13.55 -6.36 -13.26
CA ASN A 73 13.30 -6.34 -14.71
C ASN A 73 12.06 -7.19 -15.01
N THR A 74 11.66 -7.23 -16.29
CA THR A 74 10.48 -7.95 -16.79
C THR A 74 10.89 -8.78 -18.01
N LEU A 75 10.51 -10.06 -18.02
CA LEU A 75 10.66 -10.99 -19.19
C LEU A 75 9.31 -11.14 -19.92
N ILE A 76 9.25 -10.72 -21.18
CA ILE A 76 8.06 -10.90 -22.08
C ILE A 76 8.53 -11.69 -23.31
N ASN A 77 7.93 -12.84 -23.59
CA ASN A 77 8.33 -13.71 -24.75
C ASN A 77 9.84 -13.90 -24.75
N GLU A 78 10.40 -14.14 -23.55
CA GLU A 78 11.81 -14.55 -23.34
C GLU A 78 12.77 -13.40 -23.68
N LYS A 79 12.33 -12.15 -23.66
CA LYS A 79 13.22 -10.97 -23.77
C LYS A 79 13.15 -10.17 -22.46
N TRP A 80 14.29 -9.83 -21.86
CA TRP A 80 14.38 -8.88 -20.72
C TRP A 80 14.21 -7.42 -21.22
N GLY A 81 13.55 -6.55 -20.44
CA GLY A 81 13.42 -5.12 -20.76
C GLY A 81 14.58 -4.35 -20.15
N ARG A 82 14.44 -3.04 -19.98
CA ARG A 82 15.49 -2.19 -19.38
C ARG A 82 15.64 -2.53 -17.89
N GLU A 83 16.85 -2.88 -17.43
CA GLU A 83 17.12 -3.21 -16.01
C GLU A 83 16.90 -1.97 -15.17
N GLU A 84 16.30 -2.14 -14.00
CA GLU A 84 16.16 -1.09 -12.96
C GLU A 84 17.02 -1.51 -11.78
N ILE A 85 18.13 -0.85 -11.57
CA ILE A 85 19.14 -1.33 -10.61
C ILE A 85 19.13 -0.41 -9.40
N THR A 86 19.08 -0.99 -8.21
CA THR A 86 19.17 -0.26 -6.93
C THR A 86 20.51 -0.65 -6.30
N TYR A 87 21.41 0.30 -6.15
CA TYR A 87 22.78 0.08 -5.62
C TYR A 87 22.76 0.08 -4.08
N ASP A 88 21.72 0.66 -3.47
CA ASP A 88 21.47 0.55 -2.01
CA ASP A 88 21.46 0.56 -2.02
C ASP A 88 20.76 -0.78 -1.75
N THR A 89 21.50 -1.80 -1.28
CA THR A 89 20.97 -3.17 -0.97
C THR A 89 21.16 -3.43 0.52
N PRO A 90 20.09 -3.87 1.22
CA PRO A 90 20.17 -4.29 2.62
C PRO A 90 20.55 -5.76 2.78
N PHE A 91 20.59 -6.52 1.68
CA PHE A 91 20.95 -7.95 1.63
C PHE A 91 22.46 -8.14 1.79
N LYS A 92 22.84 -9.10 2.63
CA LYS A 92 24.24 -9.56 2.75
C LYS A 92 24.28 -11.07 2.93
N ARG A 93 25.36 -11.65 2.43
CA ARG A 93 25.75 -13.06 2.68
C ARG A 93 25.68 -13.32 4.19
N GLU A 94 25.00 -14.39 4.59
CA GLU A 94 24.98 -14.89 5.98
C GLU A 94 24.08 -14.00 6.84
N LYS A 95 23.13 -13.31 6.23
CA LYS A 95 22.17 -12.44 6.95
C LYS A 95 20.75 -12.92 6.62
N SER A 96 19.87 -12.96 7.62
CA SER A 96 18.42 -13.20 7.43
C SER A 96 17.75 -11.94 6.90
N PHE A 97 16.54 -12.09 6.35
CA PHE A 97 15.77 -10.96 5.80
C PHE A 97 14.27 -11.24 5.90
N GLU A 98 13.48 -10.16 5.97
CA GLU A 98 12.05 -10.21 5.65
C GLU A 98 11.74 -9.30 4.45
N ILE A 99 11.45 -9.88 3.28
CA ILE A 99 10.98 -9.09 2.11
C ILE A 99 9.47 -8.89 2.23
N VAL A 100 9.02 -7.64 2.12
CA VAL A 100 7.58 -7.35 1.95
C VAL A 100 7.36 -6.67 0.59
N ILE A 101 6.66 -7.35 -0.32
CA ILE A 101 6.19 -6.74 -1.58
C ILE A 101 4.75 -6.29 -1.38
N MET A 102 4.49 -4.99 -1.51
CA MET A 102 3.13 -4.40 -1.55
C MET A 102 2.71 -4.18 -3.02
N VAL A 103 1.59 -4.76 -3.46
CA VAL A 103 1.09 -4.55 -4.85
C VAL A 103 0.17 -3.32 -4.82
N LEU A 104 0.59 -2.23 -5.47
CA LEU A 104 -0.26 -1.03 -5.69
C LEU A 104 -0.79 -1.03 -7.13
N LYS A 105 -1.62 -0.04 -7.42
CA LYS A 105 -2.36 0.07 -8.70
C LYS A 105 -1.35 0.07 -9.86
N ASP A 106 -0.27 0.83 -9.68
CA ASP A 106 0.66 1.18 -10.79
C ASP A 106 2.05 0.59 -10.55
N LYS A 107 2.32 -0.02 -9.41
CA LYS A 107 3.70 -0.50 -9.10
C LYS A 107 3.73 -1.47 -7.93
N PHE A 108 4.88 -2.13 -7.76
CA PHE A 108 5.26 -2.88 -6.54
C PHE A 108 6.05 -1.93 -5.66
N GLN A 109 5.84 -2.01 -4.37
CA GLN A 109 6.65 -1.31 -3.35
CA GLN A 109 6.65 -1.31 -3.35
C GLN A 109 7.29 -2.39 -2.48
N VAL A 110 8.62 -2.43 -2.44
CA VAL A 110 9.33 -3.49 -1.68
C VAL A 110 10.05 -2.84 -0.49
N ALA A 111 9.78 -3.36 0.70
CA ALA A 111 10.53 -3.07 1.94
C ALA A 111 11.20 -4.35 2.41
N VAL A 112 12.40 -4.24 2.98
CA VAL A 112 13.16 -5.36 3.58
C VAL A 112 13.49 -4.99 5.03
N ASN A 113 13.23 -5.89 5.95
CA ASN A 113 13.55 -5.69 7.39
C ASN A 113 12.95 -4.37 7.84
N GLY A 114 11.73 -4.06 7.38
CA GLY A 114 10.94 -2.88 7.80
C GLY A 114 11.50 -1.55 7.32
N LYS A 115 12.22 -1.52 6.20
CA LYS A 115 12.75 -0.28 5.59
C LYS A 115 12.46 -0.28 4.08
N HIS A 116 11.98 0.86 3.54
CA HIS A 116 11.72 1.02 2.10
C HIS A 116 12.98 0.61 1.34
N THR A 117 12.83 -0.10 0.24
CA THR A 117 13.98 -0.55 -0.58
C THR A 117 13.82 -0.11 -2.04
N LEU A 118 12.65 -0.27 -2.66
CA LEU A 118 12.49 0.20 -4.07
C LEU A 118 11.05 0.10 -4.54
N LEU A 119 10.76 0.84 -5.60
CA LEU A 119 9.52 0.80 -6.41
C LEU A 119 9.84 0.13 -7.75
N TYR A 120 8.81 -0.36 -8.42
CA TYR A 120 8.90 -0.93 -9.79
C TYR A 120 7.53 -0.84 -10.42
N GLY A 121 7.39 0.03 -11.41
CA GLY A 121 6.15 0.20 -12.20
C GLY A 121 5.77 -1.09 -12.89
N HIS A 122 4.50 -1.42 -12.87
CA HIS A 122 3.96 -2.60 -13.61
C HIS A 122 4.23 -2.39 -15.10
N ARG A 123 4.75 -3.41 -15.78
CA ARG A 123 4.89 -3.45 -17.25
C ARG A 123 3.94 -4.52 -17.81
N ILE A 124 3.66 -5.57 -17.03
CA ILE A 124 2.52 -6.50 -17.27
C ILE A 124 1.48 -6.27 -16.18
N GLY A 125 0.21 -6.28 -16.59
CA GLY A 125 -0.92 -6.20 -15.65
C GLY A 125 -0.73 -7.23 -14.53
N PRO A 126 -0.67 -6.82 -13.26
CA PRO A 126 -0.44 -7.74 -12.14
C PRO A 126 -1.53 -8.79 -11.94
N GLU A 127 -2.72 -8.55 -12.50
CA GLU A 127 -3.85 -9.51 -12.50
C GLU A 127 -3.44 -10.74 -13.34
N LYS A 128 -2.41 -10.65 -14.19
CA LYS A 128 -1.95 -11.77 -15.04
C LYS A 128 -0.92 -12.66 -14.33
N ILE A 129 -0.38 -12.22 -13.18
CA ILE A 129 0.49 -13.04 -12.28
C ILE A 129 -0.35 -14.11 -11.59
N ASP A 130 0.04 -15.39 -11.67
CA ASP A 130 -0.66 -16.53 -11.01
C ASP A 130 0.36 -17.46 -10.33
N THR A 131 1.65 -17.19 -10.48
CA THR A 131 2.72 -18.10 -10.04
C THR A 131 3.84 -17.30 -9.36
N LEU A 132 4.41 -17.86 -8.30
CA LEU A 132 5.61 -17.32 -7.64
C LEU A 132 6.75 -18.33 -7.68
N GLY A 133 7.94 -17.89 -8.11
CA GLY A 133 9.18 -18.68 -8.25
C GLY A 133 10.31 -18.08 -7.41
N ILE A 134 11.08 -18.91 -6.72
CA ILE A 134 12.31 -18.48 -6.03
C ILE A 134 13.45 -19.40 -6.46
N TYR A 135 14.50 -18.83 -7.06
CA TYR A 135 15.65 -19.55 -7.68
C TYR A 135 16.96 -18.99 -7.12
N GLY A 136 18.04 -19.78 -7.18
CA GLY A 136 19.42 -19.36 -6.84
C GLY A 136 19.83 -19.74 -5.41
N LYS A 137 20.90 -19.12 -4.89
CA LYS A 137 21.48 -19.47 -3.56
C LYS A 137 20.75 -18.69 -2.47
N VAL A 138 19.71 -19.29 -1.91
CA VAL A 138 18.93 -18.63 -0.84
C VAL A 138 18.23 -19.73 -0.07
N ASN A 139 18.02 -19.53 1.24
CA ASN A 139 17.17 -20.37 2.11
C ASN A 139 15.92 -19.56 2.45
N ILE A 140 14.76 -20.18 2.32
CA ILE A 140 13.44 -19.54 2.52
C ILE A 140 12.80 -20.26 3.70
N HIS A 141 12.48 -19.49 4.74
CA HIS A 141 11.79 -19.98 5.97
C HIS A 141 10.27 -20.01 5.70
N SER A 142 9.75 -18.98 5.00
CA SER A 142 8.29 -18.86 4.69
C SER A 142 7.97 -17.92 3.52
N ILE A 143 6.84 -18.17 2.91
CA ILE A 143 6.23 -17.38 1.80
C ILE A 143 4.74 -17.30 2.11
N GLY A 144 4.17 -16.11 2.16
CA GLY A 144 2.78 -15.89 2.59
C GLY A 144 2.16 -14.72 1.87
N PHE A 145 0.84 -14.66 1.86
CA PHE A 145 0.06 -13.58 1.23
C PHE A 145 -0.93 -13.00 2.23
N SER A 146 -1.08 -11.69 2.16
CA SER A 146 -2.17 -10.93 2.80
C SER A 146 -3.05 -10.37 1.66
N PHE A 147 -4.14 -11.07 1.35
CA PHE A 147 -4.97 -10.71 0.18
C PHE A 147 -6.03 -9.68 0.57
N SER A 148 -6.32 -8.81 -0.41
CA SER A 148 -7.44 -7.85 -0.46
C SER A 148 -8.75 -8.62 -0.45
N SER A 149 -8.79 -9.81 -1.06
CA SER A 149 -9.97 -10.74 -1.09
C SER A 149 -10.60 -10.89 0.31
N ASP A 150 -9.81 -11.18 1.36
CA ASP A 150 -10.28 -11.55 2.73
C ASP A 150 -10.28 -10.33 3.66
N ASN B 1 0.24 27.18 17.28
CA ASN B 1 0.06 25.93 16.47
C ASN B 1 1.15 25.83 15.38
N ASN B 2 1.63 24.61 15.12
CA ASN B 2 2.77 24.38 14.19
C ASN B 2 2.22 24.00 12.80
N LEU B 3 0.90 24.05 12.57
CA LEU B 3 0.31 23.41 11.35
C LEU B 3 0.37 24.37 10.18
N GLN B 4 0.11 23.87 8.99
CA GLN B 4 0.31 24.58 7.71
C GLN B 4 -0.98 24.56 6.91
N ASN B 5 -1.26 25.61 6.14
CA ASN B 5 -2.44 25.75 5.23
C ASN B 5 -3.73 25.45 6.01
N ILE B 6 -3.94 26.19 7.10
CA ILE B 6 -5.06 25.93 8.04
C ILE B 6 -6.25 26.74 7.56
N ILE B 7 -7.39 26.09 7.45
CA ILE B 7 -8.66 26.70 6.96
CA ILE B 7 -8.64 26.78 7.03
C ILE B 7 -9.71 26.41 8.04
N TYR B 8 -10.66 27.32 8.24
CA TYR B 8 -11.75 27.22 9.23
C TYR B 8 -13.09 27.20 8.51
N ASN B 9 -13.99 26.37 9.05
CA ASN B 9 -15.45 26.38 8.72
CA ASN B 9 -15.45 26.37 8.72
C ASN B 9 -15.63 26.33 7.20
N PRO B 10 -14.94 25.43 6.49
CA PRO B 10 -15.21 25.24 5.06
C PRO B 10 -16.65 24.78 4.81
N VAL B 11 -17.23 25.31 3.74
CA VAL B 11 -18.51 24.82 3.19
C VAL B 11 -18.38 23.33 2.88
N ILE B 12 -19.41 22.55 3.21
CA ILE B 12 -19.53 21.11 2.84
C ILE B 12 -20.62 21.03 1.77
N PRO B 13 -20.38 20.44 0.58
CA PRO B 13 -19.16 19.67 0.30
C PRO B 13 -17.87 20.49 0.16
N PHE B 14 -16.76 19.96 0.67
CA PHE B 14 -15.41 20.57 0.56
C PHE B 14 -14.56 19.75 -0.43
N VAL B 15 -13.93 20.41 -1.39
CA VAL B 15 -12.94 19.76 -2.28
C VAL B 15 -11.74 20.69 -2.34
N GLY B 16 -10.58 20.30 -1.84
CA GLY B 16 -9.41 21.20 -1.82
C GLY B 16 -8.15 20.55 -2.36
N THR B 17 -7.36 21.29 -3.12
CA THR B 17 -5.96 20.88 -3.47
C THR B 17 -5.13 20.77 -2.20
N ILE B 18 -4.43 19.66 -2.06
CA ILE B 18 -3.49 19.47 -0.92
C ILE B 18 -2.19 20.15 -1.33
N PRO B 19 -1.76 21.16 -0.54
CA PRO B 19 -0.70 22.08 -0.97
C PRO B 19 0.72 21.48 -1.09
N ASP B 20 0.95 20.27 -0.56
CA ASP B 20 2.25 19.57 -0.77
C ASP B 20 1.99 18.07 -0.88
N GLN B 21 3.01 17.33 -1.33
CA GLN B 21 2.98 15.85 -1.48
C GLN B 21 2.82 15.19 -0.11
N LEU B 22 2.08 14.08 -0.07
CA LEU B 22 1.82 13.28 1.14
C LEU B 22 3.01 12.37 1.36
N ASP B 23 4.11 12.91 1.83
CA ASP B 23 5.38 12.19 2.06
C ASP B 23 5.24 11.45 3.37
N PRO B 24 6.03 10.37 3.59
CA PRO B 24 6.07 9.70 4.88
C PRO B 24 6.31 10.73 6.00
N GLY B 25 5.48 10.67 7.03
CA GLY B 25 5.55 11.58 8.19
C GLY B 25 4.50 12.67 8.16
N THR B 26 3.95 12.99 6.99
CA THR B 26 2.88 13.98 6.76
C THR B 26 1.65 13.67 7.63
N LEU B 27 1.12 14.70 8.30
CA LEU B 27 -0.19 14.69 9.04
C LEU B 27 -1.23 15.49 8.24
N ILE B 28 -2.45 14.98 8.20
CA ILE B 28 -3.68 15.79 7.91
C ILE B 28 -4.49 15.81 9.20
N VAL B 29 -4.78 17.00 9.70
CA VAL B 29 -5.54 17.19 10.98
C VAL B 29 -6.87 17.86 10.67
N ILE B 30 -7.96 17.18 10.99
CA ILE B 30 -9.33 17.68 10.71
C ILE B 30 -10.09 17.70 12.03
N ARG B 31 -10.58 18.88 12.41
CA ARG B 31 -11.46 19.09 13.60
C ARG B 31 -12.89 19.33 13.12
N GLY B 32 -13.85 18.76 13.83
CA GLY B 32 -15.26 18.85 13.45
C GLY B 32 -16.16 18.24 14.48
N HIS B 33 -17.44 18.17 14.14
CA HIS B 33 -18.48 17.50 14.95
C HIS B 33 -19.51 16.88 14.00
N VAL B 34 -20.16 15.85 14.53
CA VAL B 34 -21.23 15.08 13.85
C VAL B 34 -22.54 15.77 14.20
N PRO B 35 -23.31 16.23 13.19
CA PRO B 35 -24.64 16.81 13.46
C PRO B 35 -25.59 15.70 13.95
N SER B 36 -26.65 16.04 14.68
CA SER B 36 -27.51 15.04 15.37
C SER B 36 -28.23 14.16 14.33
N ASP B 37 -28.53 14.66 13.13
CA ASP B 37 -29.32 13.85 12.16
C ASP B 37 -28.41 13.22 11.10
N ALA B 38 -27.09 13.22 11.31
CA ALA B 38 -26.09 12.51 10.49
C ALA B 38 -26.31 10.99 10.49
N ASP B 39 -26.18 10.38 9.30
N ASP B 39 -26.25 10.35 9.31
CA ASP B 39 -26.14 8.93 9.02
CA ASP B 39 -26.11 8.87 9.13
C ASP B 39 -24.68 8.49 8.76
C ASP B 39 -24.65 8.49 8.81
N ARG B 40 -23.96 9.27 7.95
CA ARG B 40 -22.56 9.00 7.55
C ARG B 40 -21.89 10.30 7.09
N PHE B 41 -20.56 10.30 7.01
CA PHE B 41 -19.77 11.33 6.27
C PHE B 41 -18.47 10.66 5.81
N GLN B 42 -17.77 11.29 4.88
CA GLN B 42 -16.51 10.69 4.41
C GLN B 42 -15.43 11.76 4.27
N VAL B 43 -14.21 11.33 4.54
CA VAL B 43 -12.92 11.98 4.18
C VAL B 43 -12.31 11.13 3.06
N ASP B 44 -12.12 11.70 1.87
CA ASP B 44 -11.54 11.03 0.68
C ASP B 44 -10.22 11.70 0.28
N LEU B 45 -9.14 10.94 0.26
CA LEU B 45 -7.85 11.37 -0.33
C LEU B 45 -7.90 10.90 -1.79
N GLN B 46 -8.03 11.86 -2.71
CA GLN B 46 -8.34 11.60 -4.14
C GLN B 46 -7.12 11.93 -5.00
N ASN B 47 -6.97 11.15 -6.08
CA ASN B 47 -6.10 11.49 -7.23
C ASN B 47 -6.95 12.34 -8.17
N GLY B 48 -6.93 13.67 -8.00
CA GLY B 48 -7.71 14.64 -8.79
C GLY B 48 -9.11 14.87 -8.22
N SER B 49 -9.94 15.61 -8.94
CA SER B 49 -11.31 16.03 -8.56
C SER B 49 -12.29 15.83 -9.71
N SER B 50 -11.95 15.04 -10.72
CA SER B 50 -12.96 14.63 -11.72
C SER B 50 -14.18 14.06 -11.01
N MET B 51 -15.36 14.49 -11.43
CA MET B 51 -16.68 14.04 -10.90
C MET B 51 -17.19 12.95 -11.82
N LYS B 52 -16.87 13.01 -13.12
CA LYS B 52 -17.29 12.01 -14.12
C LYS B 52 -16.23 11.93 -15.20
N PRO B 53 -15.53 10.79 -15.38
CA PRO B 53 -15.62 9.66 -14.45
C PRO B 53 -15.09 10.08 -13.08
N ARG B 54 -15.40 9.33 -12.02
CA ARG B 54 -15.07 9.77 -10.64
C ARG B 54 -13.59 9.52 -10.38
N ALA B 55 -12.88 10.54 -9.88
CA ALA B 55 -11.46 10.48 -9.45
C ALA B 55 -11.21 9.25 -8.58
N ASP B 56 -10.10 8.56 -8.78
CA ASP B 56 -9.67 7.48 -7.84
C ASP B 56 -9.62 8.07 -6.42
N VAL B 57 -10.03 7.27 -5.44
CA VAL B 57 -9.91 7.59 -4.00
C VAL B 57 -8.93 6.59 -3.43
N ALA B 58 -7.72 7.03 -3.10
CA ALA B 58 -6.70 6.17 -2.44
C ALA B 58 -7.23 5.77 -1.06
N PHE B 59 -7.85 6.70 -0.35
CA PHE B 59 -8.31 6.45 1.02
C PHE B 59 -9.70 7.08 1.26
N HIS B 60 -10.72 6.23 1.36
CA HIS B 60 -12.11 6.54 1.76
C HIS B 60 -12.24 6.18 3.23
N PHE B 61 -12.39 7.19 4.08
CA PHE B 61 -12.54 7.05 5.55
C PHE B 61 -13.96 7.51 5.90
N ASN B 62 -14.85 6.54 6.15
CA ASN B 62 -16.32 6.73 6.09
C ASN B 62 -16.96 6.30 7.41
N PRO B 63 -16.99 7.16 8.45
CA PRO B 63 -17.75 6.85 9.67
C PRO B 63 -19.24 6.72 9.34
N ARG B 64 -19.87 5.66 9.90
CA ARG B 64 -21.32 5.36 9.79
C ARG B 64 -21.90 5.31 11.21
N PHE B 65 -23.17 5.68 11.36
CA PHE B 65 -23.76 5.99 12.70
C PHE B 65 -24.91 5.04 13.09
N LYS B 66 -25.46 4.24 12.17
CA LYS B 66 -26.50 3.22 12.45
C LYS B 66 -25.97 2.18 13.44
N ARG B 67 -26.88 1.57 14.19
CA ARG B 67 -26.54 0.53 15.19
C ARG B 67 -25.51 1.14 16.17
N ALA B 68 -24.50 0.38 16.57
CA ALA B 68 -23.47 0.82 17.53
C ALA B 68 -22.34 1.54 16.80
N GLY B 69 -22.58 2.05 15.59
CA GLY B 69 -21.59 2.79 14.81
C GLY B 69 -20.46 1.91 14.28
N CYS B 70 -19.74 2.44 13.29
CA CYS B 70 -18.50 1.84 12.73
C CYS B 70 -17.79 2.88 11.84
N ILE B 71 -16.67 2.48 11.26
CA ILE B 71 -15.95 3.21 10.17
C ILE B 71 -15.67 2.18 9.06
N VAL B 72 -16.08 2.50 7.84
CA VAL B 72 -15.74 1.74 6.60
C VAL B 72 -14.56 2.46 5.96
N CYS B 73 -13.48 1.78 5.66
CA CYS B 73 -12.34 2.30 4.85
C CYS B 73 -12.22 1.46 3.58
N ASN B 74 -11.95 2.10 2.43
CA ASN B 74 -11.95 1.38 1.13
C ASN B 74 -11.21 2.24 0.11
N THR B 75 -11.02 1.72 -1.10
CA THR B 75 -10.36 2.42 -2.23
C THR B 75 -11.21 2.28 -3.48
N LEU B 76 -11.37 3.39 -4.22
CA LEU B 76 -12.04 3.43 -5.56
C LEU B 76 -10.97 3.57 -6.64
N ILE B 77 -10.91 2.60 -7.54
CA ILE B 77 -10.03 2.61 -8.74
C ILE B 77 -10.92 2.46 -9.97
N ASN B 78 -10.83 3.37 -10.94
CA ASN B 78 -11.69 3.36 -12.17
C ASN B 78 -13.13 3.02 -11.79
N GLU B 79 -13.62 3.71 -10.76
CA GLU B 79 -15.04 3.76 -10.35
C GLU B 79 -15.49 2.43 -9.72
N LYS B 80 -14.58 1.54 -9.30
CA LYS B 80 -14.96 0.30 -8.56
C LYS B 80 -14.35 0.30 -7.16
N TRP B 81 -15.19 0.04 -6.15
CA TRP B 81 -14.76 -0.13 -4.74
C TRP B 81 -14.08 -1.49 -4.54
N GLY B 82 -13.07 -1.57 -3.67
CA GLY B 82 -12.43 -2.84 -3.31
C GLY B 82 -13.09 -3.44 -2.08
N ARG B 83 -12.40 -4.34 -1.39
CA ARG B 83 -12.89 -4.93 -0.13
C ARG B 83 -12.92 -3.85 0.95
N GLU B 84 -14.09 -3.66 1.58
CA GLU B 84 -14.25 -2.78 2.75
C GLU B 84 -13.44 -3.36 3.90
N GLU B 85 -12.81 -2.47 4.66
CA GLU B 85 -12.12 -2.79 5.92
C GLU B 85 -12.90 -2.04 7.00
N ILE B 86 -13.61 -2.78 7.84
CA ILE B 86 -14.57 -2.14 8.77
C ILE B 86 -13.98 -2.20 10.18
N THR B 87 -14.02 -1.07 10.89
CA THR B 87 -13.62 -0.94 12.30
C THR B 87 -14.88 -0.69 13.12
N TYR B 88 -15.28 -1.60 14.01
CA TYR B 88 -16.50 -1.45 14.82
C TYR B 88 -16.18 -0.66 16.09
N ASP B 89 -14.90 -0.58 16.48
CA ASP B 89 -14.45 0.28 17.61
C ASP B 89 -14.29 1.70 17.09
N THR B 90 -15.32 2.56 17.25
CA THR B 90 -15.47 3.91 16.66
C THR B 90 -15.61 4.89 17.82
N PRO B 91 -14.85 6.00 17.81
CA PRO B 91 -15.01 7.07 18.80
C PRO B 91 -16.01 8.15 18.33
N PHE B 92 -16.53 8.03 17.10
CA PHE B 92 -17.55 8.95 16.53
C PHE B 92 -18.94 8.67 17.12
N LYS B 93 -19.64 9.74 17.52
CA LYS B 93 -21.10 9.72 17.78
C LYS B 93 -21.75 11.01 17.30
N ARG B 94 -23.06 10.93 17.02
CA ARG B 94 -23.89 12.12 16.70
C ARG B 94 -23.72 13.13 17.83
N GLU B 95 -23.45 14.39 17.48
CA GLU B 95 -23.48 15.51 18.45
C GLU B 95 -22.14 15.53 19.20
N LYS B 96 -21.11 14.85 18.70
CA LYS B 96 -19.80 14.77 19.40
C LYS B 96 -18.71 15.30 18.47
N SER B 97 -17.82 16.11 19.03
CA SER B 97 -16.67 16.73 18.32
C SER B 97 -15.56 15.70 18.20
N PHE B 98 -14.65 15.94 17.27
CA PHE B 98 -13.51 15.03 17.00
C PHE B 98 -12.32 15.81 16.44
N GLU B 99 -11.14 15.27 16.66
CA GLU B 99 -9.88 15.65 15.97
C GLU B 99 -9.37 14.41 15.25
N ILE B 100 -9.57 14.33 13.94
CA ILE B 100 -8.98 13.22 13.12
C ILE B 100 -7.55 13.57 12.78
N VAL B 101 -6.62 12.65 13.02
CA VAL B 101 -5.20 12.82 12.62
C VAL B 101 -4.86 11.64 11.72
N ILE B 102 -4.59 11.93 10.46
CA ILE B 102 -4.12 10.89 9.51
C ILE B 102 -2.62 11.07 9.40
N MET B 103 -1.85 10.04 9.74
CA MET B 103 -0.39 9.97 9.52
C MET B 103 -0.13 9.13 8.27
N VAL B 104 0.62 9.69 7.33
CA VAL B 104 1.01 8.94 6.10
C VAL B 104 2.36 8.31 6.35
N LEU B 105 2.40 6.97 6.39
CA LEU B 105 3.64 6.16 6.42
C LEU B 105 3.90 5.60 5.02
N LYS B 106 5.04 4.95 4.88
CA LYS B 106 5.52 4.49 3.55
C LYS B 106 4.55 3.43 3.03
N ASP B 107 3.97 2.62 3.93
CA ASP B 107 3.17 1.43 3.56
C ASP B 107 1.69 1.55 3.97
N LYS B 108 1.30 2.55 4.75
CA LYS B 108 -0.10 2.64 5.23
C LYS B 108 -0.42 4.02 5.81
N PHE B 109 -1.70 4.24 6.09
CA PHE B 109 -2.22 5.38 6.88
C PHE B 109 -2.42 4.90 8.31
N GLN B 110 -2.01 5.72 9.26
CA GLN B 110 -2.26 5.48 10.70
C GLN B 110 -3.17 6.61 11.19
N VAL B 111 -4.38 6.26 11.61
CA VAL B 111 -5.42 7.27 11.93
C VAL B 111 -5.68 7.19 13.44
N ALA B 112 -5.59 8.33 14.10
CA ALA B 112 -6.01 8.51 15.51
C ALA B 112 -7.13 9.54 15.52
N VAL B 113 -8.05 9.37 16.47
CA VAL B 113 -9.11 10.36 16.74
C VAL B 113 -9.02 10.77 18.21
N ASN B 114 -9.05 12.07 18.48
CA ASN B 114 -8.98 12.58 19.88
C ASN B 114 -7.84 11.84 20.60
N GLY B 115 -6.67 11.80 19.95
CA GLY B 115 -5.38 11.36 20.51
C GLY B 115 -5.33 9.88 20.89
N LYS B 116 -6.11 9.03 20.23
CA LYS B 116 -6.18 7.58 20.51
C LYS B 116 -6.16 6.83 19.18
N HIS B 117 -5.33 5.79 19.10
CA HIS B 117 -5.18 4.98 17.87
C HIS B 117 -6.58 4.52 17.48
N THR B 118 -6.89 4.56 16.19
CA THR B 118 -8.21 4.15 15.68
C THR B 118 -8.06 3.05 14.64
N LEU B 119 -7.17 3.17 13.66
CA LEU B 119 -6.99 2.12 12.66
C LEU B 119 -5.79 2.37 11.75
N LEU B 120 -5.36 1.27 11.12
CA LEU B 120 -4.41 1.22 9.99
C LEU B 120 -5.17 0.92 8.70
N TYR B 121 -4.59 1.33 7.59
CA TYR B 121 -5.09 1.02 6.22
C TYR B 121 -3.88 1.03 5.27
N GLY B 122 -3.49 -0.15 4.81
CA GLY B 122 -2.39 -0.33 3.85
C GLY B 122 -2.69 0.39 2.55
N HIS B 123 -1.66 0.96 1.96
CA HIS B 123 -1.83 1.70 0.68
C HIS B 123 -2.27 0.71 -0.37
N ARG B 124 -3.20 1.14 -1.21
CA ARG B 124 -3.60 0.39 -2.43
C ARG B 124 -3.21 1.24 -3.64
N ILE B 125 -3.24 2.57 -3.51
CA ILE B 125 -2.61 3.49 -4.49
C ILE B 125 -1.43 4.18 -3.80
N GLY B 126 -0.35 4.35 -4.56
CA GLY B 126 0.80 5.18 -4.18
C GLY B 126 0.31 6.51 -3.61
N PRO B 127 0.66 6.83 -2.35
CA PRO B 127 0.24 8.09 -1.73
C PRO B 127 0.70 9.37 -2.45
N GLU B 128 1.78 9.27 -3.22
CA GLU B 128 2.29 10.39 -4.05
C GLU B 128 1.25 10.75 -5.14
N LYS B 129 0.26 9.88 -5.42
CA LYS B 129 -0.81 10.18 -6.43
C LYS B 129 -1.91 11.10 -5.86
N ILE B 130 -2.00 11.24 -4.53
CA ILE B 130 -3.04 12.00 -3.80
C ILE B 130 -2.69 13.49 -3.94
N ASP B 131 -3.63 14.31 -4.45
CA ASP B 131 -3.44 15.78 -4.60
C ASP B 131 -4.69 16.52 -4.07
N THR B 132 -5.74 15.80 -3.68
CA THR B 132 -7.07 16.39 -3.45
C THR B 132 -7.72 15.81 -2.21
N LEU B 133 -8.37 16.66 -1.42
CA LEU B 133 -9.01 16.28 -0.13
C LEU B 133 -10.49 16.60 -0.24
N GLY B 134 -11.34 15.57 -0.22
CA GLY B 134 -12.81 15.71 -0.30
C GLY B 134 -13.45 15.41 1.03
N ILE B 135 -14.35 16.28 1.50
CA ILE B 135 -15.17 15.95 2.70
C ILE B 135 -16.65 16.12 2.31
N TYR B 136 -17.39 15.02 2.39
CA TYR B 136 -18.81 14.91 1.93
C TYR B 136 -19.69 14.34 3.05
N GLY B 137 -21.00 14.57 2.98
CA GLY B 137 -22.01 13.99 3.88
C GLY B 137 -22.44 14.92 5.01
N LYS B 138 -23.07 14.39 6.04
CA LYS B 138 -23.55 15.19 7.20
C LYS B 138 -22.41 15.33 8.20
N VAL B 139 -21.69 16.44 8.11
CA VAL B 139 -20.57 16.72 9.05
C VAL B 139 -20.35 18.22 9.04
N ASN B 140 -19.89 18.76 10.17
CA ASN B 140 -19.40 20.15 10.29
C ASN B 140 -17.91 20.05 10.55
N ILE B 141 -17.13 20.79 9.78
CA ILE B 141 -15.65 20.84 9.89
C ILE B 141 -15.29 22.24 10.38
N HIS B 142 -14.69 22.28 11.58
CA HIS B 142 -14.21 23.48 12.29
C HIS B 142 -12.89 23.96 11.64
N SER B 143 -11.98 23.03 11.28
CA SER B 143 -10.63 23.32 10.74
C SER B 143 -9.97 22.12 10.05
N ILE B 144 -9.03 22.44 9.20
CA ILE B 144 -8.20 21.51 8.38
C ILE B 144 -6.80 22.10 8.40
N GLY B 145 -5.81 21.30 8.73
CA GLY B 145 -4.40 21.69 8.61
C GLY B 145 -3.52 20.52 8.22
N PHE B 146 -2.28 20.83 7.86
CA PHE B 146 -1.28 19.84 7.39
C PHE B 146 0.01 20.03 8.19
N SER B 147 0.74 18.93 8.41
CA SER B 147 2.16 18.94 8.79
C SER B 147 2.93 18.18 7.72
N PHE B 148 3.63 18.89 6.84
CA PHE B 148 4.34 18.30 5.68
C PHE B 148 5.77 17.87 6.03
N SER B 149 6.35 17.00 5.20
N SER B 149 6.31 16.92 5.27
CA SER B 149 7.71 16.43 5.40
CA SER B 149 7.62 16.27 5.54
C SER B 149 8.43 16.26 4.05
C SER B 149 8.56 16.45 4.33
#